data_4BHV
#
_entry.id   4BHV
#
_cell.length_a   33.078
_cell.length_b   33.621
_cell.length_c   99.138
_cell.angle_alpha   90.00
_cell.angle_beta   96.75
_cell.angle_gamma   90.00
#
_symmetry.space_group_name_H-M   'P 1 21 1'
#
loop_
_entity.id
_entity.type
_entity.pdbx_description
1 polymer PHOSPHOPROTEIN
2 non-polymer 'ACETATE ION'
3 non-polymer 'CALCIUM ION'
4 water water
#
_entity_poly.entity_id   1
_entity_poly.type   'polypeptide(L)'
_entity_poly.pdbx_seq_one_letter_code
;MGDHYDDELFSDVQDIKTALAKIHEDNQKIISKLESLLLLKGEVESIKKQINRQNISIHHHHHH
;
_entity_poly.pdbx_strand_id   A,B,C,D
#
loop_
_chem_comp.id
_chem_comp.type
_chem_comp.name
_chem_comp.formula
ACT non-polymer 'ACETATE ION' 'C2 H3 O2 -1'
CA non-polymer 'CALCIUM ION' 'Ca 2'
#
# COMPACT_ATOMS: atom_id res chain seq x y z
N TYR A 5 25.78 -34.20 -0.62
CA TYR A 5 25.31 -32.85 -0.88
C TYR A 5 26.22 -32.31 -1.98
N ASP A 6 25.71 -32.29 -3.21
CA ASP A 6 26.48 -31.86 -4.35
C ASP A 6 26.85 -30.38 -4.22
N ASP A 7 28.07 -30.04 -4.66
CA ASP A 7 28.57 -28.68 -4.52
C ASP A 7 27.75 -27.67 -5.30
N GLU A 8 27.33 -28.04 -6.50
CA GLU A 8 26.45 -27.20 -7.31
C GLU A 8 25.05 -27.01 -6.70
N LEU A 9 24.53 -28.07 -6.09
CA LEU A 9 23.22 -28.00 -5.44
C LEU A 9 23.22 -27.02 -4.29
N PHE A 10 24.30 -27.05 -3.52
CA PHE A 10 24.50 -26.17 -2.39
C PHE A 10 24.54 -24.72 -2.86
N SER A 11 25.23 -24.46 -3.96
CA SER A 11 25.31 -23.11 -4.50
C SER A 11 23.93 -22.58 -4.92
N ASP A 12 23.16 -23.42 -5.59
CA ASP A 12 21.81 -23.04 -5.98
C ASP A 12 20.90 -22.81 -4.76
N VAL A 13 21.06 -23.62 -3.73
CA VAL A 13 20.34 -23.44 -2.48
C VAL A 13 20.72 -22.09 -1.86
N GLN A 14 22.00 -21.75 -1.94
CA GLN A 14 22.50 -20.47 -1.45
C GLN A 14 21.88 -19.32 -2.25
N ASP A 15 21.74 -19.50 -3.56
CA ASP A 15 21.13 -18.50 -4.43
C ASP A 15 19.67 -18.28 -4.06
N ILE A 16 18.97 -19.36 -3.70
CA ILE A 16 17.59 -19.25 -3.24
C ILE A 16 17.48 -18.46 -1.94
N LYS A 17 18.38 -18.72 -1.01
CA LYS A 17 18.36 -18.03 0.28
C LYS A 17 18.59 -16.52 0.13
N THR A 18 19.51 -16.15 -0.76
CA THR A 18 19.78 -14.74 -1.03
C THR A 18 18.54 -14.05 -1.57
N ALA A 19 17.81 -14.73 -2.45
CA ALA A 19 16.59 -14.21 -3.03
C ALA A 19 15.48 -13.98 -1.99
N LEU A 20 15.31 -14.93 -1.08
CA LEU A 20 14.35 -14.77 -0.01
C LEU A 20 14.69 -13.58 0.90
N ALA A 21 15.97 -13.41 1.18
CA ALA A 21 16.44 -12.28 2.00
C ALA A 21 16.14 -10.95 1.32
N LYS A 22 16.35 -10.88 0.01
CA LYS A 22 16.01 -9.68 -0.74
C LYS A 22 14.50 -9.39 -0.74
N ILE A 23 13.69 -10.43 -0.89
CA ILE A 23 12.24 -10.26 -0.82
C ILE A 23 11.77 -9.79 0.56
N HIS A 24 12.38 -10.34 1.60
CA HIS A 24 12.10 -9.94 2.98
C HIS A 24 12.46 -8.47 3.18
N GLU A 25 13.58 -8.07 2.59
CA GLU A 25 14.01 -6.68 2.63
C GLU A 25 12.99 -5.77 1.94
N ASP A 26 12.45 -6.22 0.82
CA ASP A 26 11.41 -5.48 0.12
C ASP A 26 10.19 -5.32 1.05
N ASN A 27 9.86 -6.38 1.76
CA ASN A 27 8.70 -6.36 2.65
C ASN A 27 8.79 -5.26 3.70
N GLN A 28 9.95 -5.14 4.33
CA GLN A 28 10.19 -4.15 5.37
C GLN A 28 10.02 -2.75 4.80
N LYS A 29 10.52 -2.52 3.58
CA LYS A 29 10.33 -1.23 2.94
C LYS A 29 8.84 -0.95 2.68
N ILE A 30 8.13 -1.96 2.21
CA ILE A 30 6.71 -1.81 1.93
C ILE A 30 5.91 -1.49 3.20
N ILE A 31 6.23 -2.18 4.29
CA ILE A 31 5.58 -1.95 5.57
C ILE A 31 5.86 -0.53 6.06
N SER A 32 7.10 -0.06 5.88
CA SER A 32 7.47 1.26 6.32
C SER A 32 6.63 2.31 5.61
N LYS A 33 6.47 2.15 4.30
CA LYS A 33 5.69 3.10 3.52
C LYS A 33 4.21 3.14 3.91
N LEU A 34 3.63 1.97 4.14
CA LEU A 34 2.29 1.85 4.55
CA LEU A 34 2.30 1.84 4.56
C LEU A 34 2.02 2.45 5.92
N GLU A 35 2.95 2.35 6.86
CA GLU A 35 2.83 3.02 8.15
C GLU A 35 2.79 4.53 7.96
N SER A 36 3.63 5.07 7.09
CA SER A 36 3.62 6.49 6.82
C SER A 36 2.29 6.92 6.21
N LEU A 37 1.77 6.11 5.29
CA LEU A 37 0.53 6.39 4.59
C LEU A 37 -0.66 6.47 5.55
N LEU A 38 -0.64 5.65 6.58
CA LEU A 38 -1.72 5.54 7.55
C LEU A 38 -1.92 6.85 8.31
N LEU A 39 -0.88 7.67 8.34
CA LEU A 39 -0.92 8.98 8.96
C LEU A 39 -1.89 9.91 8.24
N LEU A 40 -2.29 9.51 7.03
CA LEU A 40 -3.24 10.26 6.24
C LEU A 40 -4.60 10.37 6.92
N LYS A 41 -4.97 9.31 7.62
CA LYS A 41 -6.29 9.21 8.22
C LYS A 41 -6.52 10.32 9.25
N GLY A 42 -5.49 10.61 10.05
CA GLY A 42 -5.52 11.74 10.96
C GLY A 42 -5.61 13.08 10.26
N GLU A 43 -4.86 13.24 9.17
CA GLU A 43 -4.91 14.48 8.41
C GLU A 43 -6.27 14.77 7.76
N VAL A 44 -6.91 13.74 7.21
CA VAL A 44 -8.24 13.89 6.66
C VAL A 44 -9.30 14.28 7.72
N GLU A 45 -9.21 13.67 8.90
CA GLU A 45 -10.12 14.01 10.02
C GLU A 45 -9.93 15.45 10.46
N SER A 46 -8.69 15.90 10.42
CA SER A 46 -8.35 17.27 10.72
C SER A 46 -9.00 18.25 9.72
N ILE A 47 -9.08 17.86 8.46
CA ILE A 47 -9.77 18.66 7.46
C ILE A 47 -11.26 18.78 7.79
N LYS A 48 -11.86 17.69 8.24
CA LYS A 48 -13.29 17.69 8.57
C LYS A 48 -13.56 18.69 9.69
N LYS A 49 -12.69 18.70 10.71
CA LYS A 49 -12.78 19.67 11.78
C LYS A 49 -12.58 21.13 11.31
N GLN A 50 -11.60 21.32 10.43
CA GLN A 50 -11.28 22.65 9.91
C GLN A 50 -12.45 23.23 9.13
N ILE A 51 -13.11 22.40 8.32
CA ILE A 51 -14.32 22.81 7.65
C ILE A 51 -15.45 23.13 8.64
N ASN A 52 -15.57 22.34 9.69
CA ASN A 52 -16.57 22.63 10.72
C ASN A 52 -16.32 23.96 11.46
N ARG A 53 -15.06 24.28 11.70
CA ARG A 53 -14.70 25.53 12.36
C ARG A 53 -15.14 26.71 11.50
N GLN A 54 -15.05 26.55 10.18
CA GLN A 54 -15.51 27.58 9.25
C GLN A 54 -17.00 27.80 9.43
N ASN A 55 -17.74 26.70 9.56
CA ASN A 55 -19.18 26.78 9.74
C ASN A 55 -19.54 27.51 11.03
N ILE A 56 -18.80 27.22 12.10
CA ILE A 56 -18.99 27.95 13.36
C ILE A 56 -18.67 29.43 13.16
N SER A 57 -17.65 29.72 12.38
CA SER A 57 -17.27 31.09 12.07
C SER A 57 -18.40 31.82 11.36
N ILE A 58 -18.99 31.19 10.35
CA ILE A 58 -20.10 31.80 9.60
C ILE A 58 -21.37 32.05 10.43
N HIS A 59 -21.72 31.12 11.30
CA HIS A 59 -22.92 31.28 12.13
C HIS A 59 -22.81 32.49 13.04
N HIS A 60 -21.66 32.66 13.67
CA HIS A 60 -21.43 33.81 14.52
C HIS A 60 -21.44 35.07 13.67
N HIS A 61 -21.29 34.86 12.36
CA HIS A 61 -21.30 35.94 11.40
C HIS A 61 -20.03 36.78 11.49
N TYR B 5 16.36 -39.03 -6.96
CA TYR B 5 15.53 -37.93 -6.45
C TYR B 5 14.44 -38.39 -5.45
N ASP B 6 14.16 -37.56 -4.44
CA ASP B 6 13.21 -37.89 -3.34
C ASP B 6 13.93 -38.58 -2.19
N ASP B 7 13.16 -39.23 -1.32
CA ASP B 7 13.68 -39.75 -0.05
C ASP B 7 13.78 -38.78 1.11
N GLU B 8 12.90 -37.78 1.15
CA GLU B 8 11.91 -37.53 0.12
C GLU B 8 11.97 -36.07 -0.30
N LEU B 9 12.94 -35.77 -1.16
CA LEU B 9 13.19 -34.40 -1.61
C LEU B 9 12.01 -33.82 -2.37
N PHE B 10 11.35 -34.67 -3.16
CA PHE B 10 10.29 -34.21 -4.05
C PHE B 10 9.09 -33.60 -3.32
N SER B 11 8.68 -34.21 -2.21
CA SER B 11 7.59 -33.69 -1.39
C SER B 11 7.93 -32.33 -0.79
N ASP B 12 9.14 -32.19 -0.28
CA ASP B 12 9.57 -30.91 0.27
C ASP B 12 9.57 -29.83 -0.81
N VAL B 13 10.09 -30.19 -1.98
CA VAL B 13 10.17 -29.25 -3.08
C VAL B 13 8.77 -28.79 -3.48
N GLN B 14 7.83 -29.72 -3.48
CA GLN B 14 6.44 -29.41 -3.81
C GLN B 14 5.86 -28.42 -2.82
N ASP B 15 6.16 -28.64 -1.54
CA ASP B 15 5.66 -27.76 -0.48
C ASP B 15 6.19 -26.34 -0.68
N ILE B 16 7.44 -26.21 -1.09
CA ILE B 16 8.01 -24.91 -1.36
C ILE B 16 7.27 -24.23 -2.51
N LYS B 17 6.98 -25.00 -3.56
CA LYS B 17 6.27 -24.50 -4.72
C LYS B 17 4.87 -24.04 -4.33
N THR B 18 4.21 -24.79 -3.46
CA THR B 18 2.89 -24.42 -2.96
C THR B 18 2.92 -23.09 -2.19
N ALA B 19 3.94 -22.90 -1.37
CA ALA B 19 4.12 -21.63 -0.67
C ALA B 19 4.36 -20.47 -1.63
N LEU B 20 5.17 -20.70 -2.65
CA LEU B 20 5.47 -19.66 -3.62
C LEU B 20 4.20 -19.23 -4.35
N ALA B 21 3.34 -20.19 -4.67
CA ALA B 21 2.08 -19.91 -5.34
C ALA B 21 1.19 -19.02 -4.48
N LYS B 22 1.15 -19.31 -3.18
CA LYS B 22 0.40 -18.50 -2.22
C LYS B 22 0.95 -17.08 -2.12
N ILE B 23 2.27 -16.97 -2.04
CA ILE B 23 2.78 -15.52 -1.90
C ILE B 23 2.43 -14.55 -3.17
N HIS B 24 2.55 -15.21 -4.33
CA HIS B 24 2.27 -14.54 -5.60
C HIS B 24 0.82 -14.11 -5.69
N GLU B 25 -0.08 -14.96 -5.21
CA GLU B 25 -1.50 -14.64 -5.13
C GLU B 25 -1.72 -13.48 -4.18
N ASP B 26 -0.97 -13.46 -3.09
CA ASP B 26 -1.02 -12.38 -2.12
C ASP B 26 -0.62 -11.09 -2.83
N ASN B 27 0.40 -11.19 -3.67
CA ASN B 27 0.93 -10.04 -4.39
C ASN B 27 -0.13 -9.45 -5.32
N GLN B 28 -0.89 -10.34 -5.95
CA GLN B 28 -1.95 -9.93 -6.85
C GLN B 28 -3.01 -9.13 -6.09
N LYS B 29 -3.33 -9.67 -4.87
CA LYS B 29 -4.24 -8.93 -4.00
C LYS B 29 -3.63 -7.60 -3.56
N ILE B 30 -2.50 -7.51 -3.23
CA ILE B 30 -1.87 -6.27 -2.81
C ILE B 30 -1.87 -5.22 -3.93
N ILE B 31 -1.56 -5.67 -5.15
CA ILE B 31 -1.57 -4.81 -6.33
C ILE B 31 -2.97 -4.27 -6.66
N SER B 32 -4.15 -5.07 -6.66
CA SER B 32 -5.54 -4.68 -6.87
C SER B 32 -5.91 -3.52 -5.97
N LYS B 33 -5.48 -3.69 -4.66
CA LYS B 33 -5.86 -2.65 -3.71
CA LYS B 33 -5.87 -2.64 -3.71
C LYS B 33 -5.02 -1.48 -3.98
N LEU B 34 -3.75 -1.52 -4.38
CA LEU B 34 -3.00 -0.30 -4.65
C LEU B 34 -3.64 0.47 -5.81
N GLU B 35 -4.12 -0.25 -6.80
CA GLU B 35 -4.74 0.38 -7.96
C GLU B 35 -5.99 1.16 -7.55
N SER B 36 -6.80 0.57 -6.67
CA SER B 36 -8.00 1.22 -6.17
C SER B 36 -7.67 2.49 -5.36
N LEU B 37 -6.64 2.38 -4.53
CA LEU B 37 -6.18 3.49 -3.69
C LEU B 37 -5.69 4.68 -4.50
N LEU B 38 -5.10 4.38 -5.65
CA LEU B 38 -4.55 5.38 -6.56
C LEU B 38 -5.63 6.31 -7.09
N LEU B 39 -6.86 5.81 -7.13
CA LEU B 39 -8.00 6.59 -7.58
C LEU B 39 -8.21 7.78 -6.63
N LEU B 40 -7.61 7.68 -5.45
CA LEU B 40 -7.69 8.72 -4.43
C LEU B 40 -7.08 10.04 -4.93
N LYS B 41 -6.03 9.94 -5.72
CA LYS B 41 -5.32 11.13 -6.20
C LYS B 41 -6.26 12.02 -7.03
N GLY B 42 -7.11 11.42 -7.85
CA GLY B 42 -8.13 12.14 -8.57
C GLY B 42 -9.17 12.81 -7.67
N GLU B 43 -9.58 12.11 -6.61
CA GLU B 43 -10.56 12.64 -5.66
C GLU B 43 -10.10 13.88 -4.86
N VAL B 44 -8.86 13.88 -4.39
CA VAL B 44 -8.32 14.90 -3.65
C VAL B 44 -8.01 16.11 -4.64
N GLU B 45 -7.74 15.89 -5.92
CA GLU B 45 -7.74 16.96 -6.91
C GLU B 45 -9.12 17.61 -7.04
N SER B 46 -10.16 16.79 -7.00
CA SER B 46 -11.55 17.25 -7.10
C SER B 46 -11.93 18.17 -5.94
N ILE B 47 -11.47 17.82 -4.75
CA ILE B 47 -11.77 18.61 -3.58
C ILE B 47 -11.19 19.99 -3.81
N LYS B 48 -9.94 20.02 -4.38
CA LYS B 48 -9.33 21.34 -4.51
C LYS B 48 -10.10 22.21 -5.50
N LYS B 49 -10.62 21.65 -6.58
CA LYS B 49 -11.49 22.37 -7.50
C LYS B 49 -12.80 22.84 -6.83
N GLN B 50 -13.36 22.00 -5.96
CA GLN B 50 -14.60 22.31 -5.26
C GLN B 50 -14.43 23.54 -4.37
N ILE B 51 -13.30 23.62 -3.68
CA ILE B 51 -12.97 24.78 -2.88
C ILE B 51 -12.79 26.05 -3.73
N ASN B 52 -12.13 25.93 -4.88
CA ASN B 52 -11.95 27.04 -5.79
C ASN B 52 -13.29 27.55 -6.29
N ARG B 53 -14.21 26.62 -6.55
CA ARG B 53 -15.54 26.97 -7.01
C ARG B 53 -16.28 27.82 -5.97
N GLN B 54 -16.09 27.48 -4.70
CA GLN B 54 -16.66 28.27 -3.60
C GLN B 54 -16.11 29.68 -3.64
N ASN B 55 -14.80 29.79 -3.82
CA ASN B 55 -14.14 31.08 -3.85
C ASN B 55 -14.67 31.96 -5.00
N ILE B 56 -14.94 31.34 -6.15
CA ILE B 56 -15.49 32.05 -7.30
C ILE B 56 -16.89 32.63 -7.07
N SER B 57 -17.78 31.80 -6.52
CA SER B 57 -19.15 32.22 -6.25
C SER B 57 -19.21 33.33 -5.21
N ILE B 58 -18.42 33.19 -4.15
CA ILE B 58 -18.37 34.18 -3.09
C ILE B 58 -17.88 35.52 -3.63
N HIS B 59 -16.90 35.49 -4.53
CA HIS B 59 -16.38 36.73 -5.08
C HIS B 59 -17.50 37.44 -5.82
N HIS B 60 -18.23 36.67 -6.61
CA HIS B 60 -19.32 37.18 -7.44
C HIS B 60 -20.41 37.80 -6.58
N TYR C 5 23.40 -34.53 -8.71
CA TYR C 5 22.43 -33.48 -9.01
C TYR C 5 21.56 -34.01 -10.13
N ASP C 6 20.49 -34.71 -9.75
CA ASP C 6 19.60 -35.33 -10.69
C ASP C 6 19.03 -34.21 -11.55
N ASP C 7 18.83 -34.51 -12.84
CA ASP C 7 18.39 -33.50 -13.79
C ASP C 7 17.02 -32.94 -13.41
N GLU C 8 16.12 -33.82 -12.99
CA GLU C 8 14.79 -33.39 -12.58
C GLU C 8 14.89 -32.47 -11.37
N LEU C 9 15.80 -32.78 -10.46
CA LEU C 9 16.00 -31.93 -9.30
C LEU C 9 16.48 -30.53 -9.69
N PHE C 10 17.37 -30.46 -10.67
CA PHE C 10 17.85 -29.18 -11.18
C PHE C 10 16.76 -28.35 -11.84
N SER C 11 15.94 -28.91 -12.77
CA SER C 11 14.66 -28.44 -13.27
C SER C 11 13.80 -27.87 -12.13
N ASP C 12 13.59 -28.52 -11.12
CA ASP C 12 12.76 -28.06 -10.02
C ASP C 12 13.34 -26.83 -9.34
N VAL C 13 14.65 -26.86 -9.11
CA VAL C 13 15.36 -25.74 -8.51
C VAL C 13 15.26 -24.50 -9.39
N GLN C 14 15.40 -24.69 -10.70
CA GLN C 14 15.31 -23.59 -11.65
C GLN C 14 13.92 -22.96 -11.58
N ASP C 15 12.90 -23.79 -11.38
CA ASP C 15 11.53 -23.31 -11.25
C ASP C 15 11.35 -22.40 -10.03
N ILE C 16 11.98 -22.79 -8.93
CA ILE C 16 11.95 -22.02 -7.70
C ILE C 16 12.62 -20.66 -7.92
N LYS C 17 13.75 -20.67 -8.62
CA LYS C 17 14.45 -19.43 -8.93
C LYS C 17 13.60 -18.51 -9.79
N THR C 18 12.90 -19.08 -10.76
CA THR C 18 11.98 -18.34 -11.62
C THR C 18 10.82 -17.73 -10.84
N ALA C 19 10.28 -18.47 -9.88
CA ALA C 19 9.21 -17.95 -9.04
C ALA C 19 9.64 -16.75 -8.18
N LEU C 20 10.78 -16.87 -7.53
CA LEU C 20 11.28 -15.80 -6.67
C LEU C 20 11.59 -14.52 -7.47
N ALA C 21 12.16 -14.66 -8.65
CA ALA C 21 12.49 -13.50 -9.47
C ALA C 21 11.20 -12.75 -9.82
N LYS C 22 10.15 -13.50 -10.11
CA LYS C 22 8.83 -12.93 -10.39
C LYS C 22 8.26 -12.20 -9.18
N ILE C 23 8.41 -12.78 -7.98
CA ILE C 23 7.91 -12.14 -6.77
C ILE C 23 8.63 -10.82 -6.54
N HIS C 24 9.94 -10.81 -6.77
CA HIS C 24 10.73 -9.61 -6.61
C HIS C 24 10.29 -8.50 -7.58
N GLU C 25 9.99 -8.88 -8.81
CA GLU C 25 9.49 -7.95 -9.81
C GLU C 25 8.17 -7.33 -9.38
N ASP C 26 7.32 -8.15 -8.80
CA ASP C 26 6.06 -7.66 -8.26
C ASP C 26 6.31 -6.67 -7.14
N ASN C 27 7.33 -6.94 -6.33
CA ASN C 27 7.70 -6.08 -5.22
C ASN C 27 8.07 -4.69 -5.74
N GLN C 28 8.76 -4.64 -6.88
CA GLN C 28 9.14 -3.39 -7.50
C GLN C 28 7.90 -2.60 -7.90
N LYS C 29 6.93 -3.28 -8.48
CA LYS C 29 5.68 -2.64 -8.89
C LYS C 29 4.95 -2.09 -7.66
N ILE C 30 4.89 -2.87 -6.58
CA ILE C 30 4.21 -2.46 -5.36
C ILE C 30 4.85 -1.22 -4.73
N ILE C 31 6.18 -1.21 -4.64
CA ILE C 31 6.91 -0.06 -4.12
C ILE C 31 6.73 1.20 -4.98
N SER C 32 6.69 1.02 -6.29
CA SER C 32 6.51 2.14 -7.20
C SER C 32 5.19 2.83 -6.96
N LYS C 33 4.14 2.04 -6.80
CA LYS C 33 2.83 2.56 -6.50
C LYS C 33 2.76 3.27 -5.14
N LEU C 34 3.43 2.71 -4.15
CA LEU C 34 3.49 3.31 -2.83
C LEU C 34 4.17 4.68 -2.86
N GLU C 35 5.21 4.81 -3.68
CA GLU C 35 5.88 6.09 -3.76
C GLU C 35 4.91 7.14 -4.30
N SER C 36 4.10 6.76 -5.28
CA SER C 36 3.12 7.68 -5.85
C SER C 36 2.05 8.10 -4.83
N LEU C 37 1.60 7.13 -4.04
CA LEU C 37 0.60 7.35 -2.99
C LEU C 37 1.10 8.33 -1.93
N LEU C 38 2.40 8.28 -1.67
CA LEU C 38 3.04 9.12 -0.67
C LEU C 38 2.87 10.60 -1.00
N LEU C 39 2.79 10.91 -2.28
CA LEU C 39 2.68 12.27 -2.77
C LEU C 39 1.37 12.88 -2.29
N LEU C 40 0.47 12.01 -1.83
CA LEU C 40 -0.82 12.42 -1.29
C LEU C 40 -0.64 13.32 -0.06
N LYS C 41 -0.04 13.17 0.61
CA LYS C 41 0.53 13.75 1.83
C LYS C 41 0.74 15.26 1.67
N GLY C 42 1.55 15.65 0.61
CA GLY C 42 1.67 17.03 0.17
C GLY C 42 0.36 17.62 -0.32
N GLU C 43 -0.42 16.85 -1.07
CA GLU C 43 -1.70 17.30 -1.61
C GLU C 43 -2.71 17.64 -0.52
N VAL C 44 -2.79 16.80 0.50
CA VAL C 44 -3.65 17.05 1.64
C VAL C 44 -3.24 18.32 2.42
N GLU C 45 -1.94 18.53 2.62
CA GLU C 45 -1.46 19.71 3.33
C GLU C 45 -1.84 20.97 2.58
N SER C 46 -1.78 20.92 1.26
CA SER C 46 -2.18 22.03 0.41
C SER C 46 -3.66 22.38 0.54
N ILE C 47 -4.49 21.36 0.75
CA ILE C 47 -5.91 21.58 0.99
C ILE C 47 -6.15 22.34 2.31
N LYS C 48 -5.40 22.01 3.35
CA LYS C 48 -5.53 22.70 4.63
C LYS C 48 -5.18 24.19 4.46
N LYS C 49 -4.11 24.47 3.71
CA LYS C 49 -3.74 25.85 3.38
C LYS C 49 -4.80 26.58 2.55
N GLN C 50 -5.40 25.86 1.60
CA GLN C 50 -6.43 26.45 0.76
C GLN C 50 -7.61 26.88 1.61
N ILE C 51 -7.99 26.05 2.59
CA ILE C 51 -9.02 26.44 3.54
C ILE C 51 -8.60 27.62 4.42
N ASN C 52 -7.35 27.62 4.86
CA ASN C 52 -6.84 28.76 5.64
C ASN C 52 -6.85 30.03 4.80
N ARG C 53 -6.54 29.90 3.52
CA ARG C 53 -6.56 31.05 2.62
C ARG C 53 -7.96 31.62 2.55
N GLN C 54 -8.94 30.71 2.47
CA GLN C 54 -10.33 31.08 2.40
C GLN C 54 -10.75 31.84 3.65
N ASN C 55 -10.31 31.34 4.80
CA ASN C 55 -10.63 31.96 6.07
C ASN C 55 -10.10 33.39 6.15
N ILE C 56 -8.89 33.61 5.66
CA ILE C 56 -8.31 34.95 5.64
C ILE C 56 -9.10 35.90 4.73
N SER C 57 -9.51 35.41 3.58
CA SER C 57 -10.24 36.23 2.62
C SER C 57 -11.54 36.70 3.25
N ILE C 58 -12.21 35.78 3.93
CA ILE C 58 -13.47 36.06 4.59
C ILE C 58 -13.32 37.11 5.69
N HIS C 59 -12.22 37.05 6.44
CA HIS C 59 -11.93 38.04 7.46
C HIS C 59 -11.72 39.45 6.89
N HIS C 60 -10.97 39.53 5.80
CA HIS C 60 -10.65 40.79 5.15
C HIS C 60 -11.87 41.40 4.46
N HIS C 61 -12.79 40.56 4.03
CA HIS C 61 -14.03 41.08 3.49
C HIS C 61 -14.72 41.80 4.63
N TYR D 5 18.49 -38.50 1.05
CA TYR D 5 18.20 -37.15 1.52
C TYR D 5 19.23 -36.78 2.58
N ASP D 6 20.22 -35.98 2.18
CA ASP D 6 21.28 -35.56 3.11
C ASP D 6 20.76 -34.65 4.22
N ASP D 7 21.24 -34.89 5.44
CA ASP D 7 20.78 -34.18 6.62
C ASP D 7 21.08 -32.67 6.58
N GLU D 8 22.25 -32.32 6.06
CA GLU D 8 22.59 -30.92 5.85
C GLU D 8 21.61 -30.28 4.86
N LEU D 9 21.31 -31.01 3.78
CA LEU D 9 20.37 -30.54 2.77
C LEU D 9 18.97 -30.37 3.38
N PHE D 10 18.61 -31.25 4.28
CA PHE D 10 17.31 -31.19 4.95
C PHE D 10 17.17 -29.90 5.75
N SER D 11 18.22 -29.51 6.46
CA SER D 11 18.21 -28.28 7.24
C SER D 11 18.02 -27.08 6.33
N ASP D 12 18.74 -27.07 5.21
CA ASP D 12 18.66 -25.98 4.25
C ASP D 12 17.24 -25.87 3.65
N VAL D 13 16.61 -26.99 3.37
CA VAL D 13 15.22 -27.01 2.94
C VAL D 13 14.25 -26.48 4.01
N GLN D 14 14.50 -26.86 5.27
CA GLN D 14 13.69 -26.38 6.39
C GLN D 14 13.82 -24.87 6.52
N ASP D 15 15.04 -24.37 6.31
CA ASP D 15 15.32 -22.94 6.38
C ASP D 15 14.55 -22.18 5.31
N ILE D 16 14.47 -22.77 4.12
CA ILE D 16 13.75 -22.16 3.03
C ILE D 16 12.27 -22.06 3.40
N LYS D 17 11.73 -23.11 4.00
CA LYS D 17 10.34 -23.15 4.38
C LYS D 17 10.03 -22.06 5.42
N THR D 18 10.92 -21.92 6.38
CA THR D 18 10.74 -20.95 7.45
C THR D 18 10.67 -19.52 6.89
N ALA D 19 11.56 -19.18 5.96
CA ALA D 19 11.56 -17.87 5.34
C ALA D 19 10.27 -17.58 4.56
N LEU D 20 9.78 -18.57 3.83
CA LEU D 20 8.54 -18.44 3.09
C LEU D 20 7.34 -18.19 4.01
N ALA D 21 7.31 -18.88 5.15
CA ALA D 21 6.25 -18.69 6.14
C ALA D 21 6.27 -17.25 6.67
N LYS D 22 7.46 -16.75 6.96
CA LYS D 22 7.67 -15.38 7.42
C LYS D 22 7.23 -14.33 6.38
N ILE D 23 7.55 -14.57 5.12
CA ILE D 23 7.14 -13.66 4.06
C ILE D 23 5.61 -13.61 3.93
N HIS D 24 4.98 -14.76 4.05
CA HIS D 24 3.52 -14.85 4.01
C HIS D 24 2.90 -14.08 5.17
N GLU D 25 3.53 -14.17 6.32
CA GLU D 25 3.08 -13.47 7.51
C GLU D 25 3.14 -11.96 7.27
N ASP D 26 4.22 -11.52 6.64
CA ASP D 26 4.36 -10.12 6.25
C ASP D 26 3.29 -9.72 5.24
N ASN D 27 2.96 -10.64 4.32
CA ASN D 27 1.95 -10.37 3.32
C ASN D 27 0.60 -10.11 3.98
N GLN D 28 0.30 -10.85 5.04
CA GLN D 28 -0.95 -10.67 5.77
C GLN D 28 -1.02 -9.27 6.36
N LYS D 29 0.07 -8.85 6.99
CA LYS D 29 0.10 -7.53 7.61
C LYS D 29 -0.05 -6.42 6.57
N ILE D 30 0.61 -6.57 5.43
CA ILE D 30 0.52 -5.57 4.38
C ILE D 30 -0.93 -5.45 3.90
N ILE D 31 -1.60 -6.59 3.77
CA ILE D 31 -2.99 -6.61 3.38
C ILE D 31 -3.91 -5.94 4.42
N SER D 32 -3.65 -6.18 5.70
CA SER D 32 -4.45 -5.58 6.76
C SER D 32 -4.31 -4.06 6.72
N LYS D 33 -3.08 -3.58 6.53
CA LYS D 33 -2.88 -2.13 6.36
CA LYS D 33 -2.89 -2.12 6.37
C LYS D 33 -3.60 -1.48 5.08
N LEU D 34 -3.58 -2.18 3.94
CA LEU D 34 -4.25 -1.72 2.74
C LEU D 34 -5.76 -1.61 2.92
N GLU D 35 -6.34 -2.57 3.64
CA GLU D 35 -7.76 -2.53 3.92
C GLU D 35 -8.12 -1.30 4.77
N SER D 36 -7.29 -0.98 5.74
CA SER D 36 -7.48 0.22 6.56
C SER D 36 -7.39 1.50 5.73
N LEU D 37 -6.43 1.56 4.83
CA LEU D 37 -6.24 2.71 3.95
C LEU D 37 -7.46 2.94 3.04
N LEU D 38 -8.11 1.85 2.65
CA LEU D 38 -9.22 1.87 1.73
C LEU D 38 -10.41 2.68 2.27
N LEU D 39 -10.55 2.69 3.57
CA LEU D 39 -11.64 3.38 4.24
C LEU D 39 -11.51 4.88 4.00
N LEU D 40 -10.35 5.29 3.51
CA LEU D 40 -10.09 6.66 3.12
C LEU D 40 -11.05 7.11 2.03
N LYS D 41 -11.46 6.17 1.18
CA LYS D 41 -12.31 6.50 0.04
C LYS D 41 -13.61 7.12 0.53
N GLY D 42 -14.18 6.53 1.58
CA GLY D 42 -15.34 7.08 2.24
C GLY D 42 -15.12 8.43 2.90
N GLU D 43 -13.97 8.60 3.56
CA GLU D 43 -13.65 9.85 4.22
C GLU D 43 -13.51 11.04 3.26
N VAL D 44 -12.83 10.83 2.13
CA VAL D 44 -12.69 11.87 1.14
C VAL D 44 -14.07 12.25 0.59
N GLU D 45 -14.93 11.25 0.42
CA GLU D 45 -16.30 11.44 -0.03
C GLU D 45 -17.11 12.26 0.98
N SER D 46 -16.88 12.03 2.26
CA SER D 46 -17.56 12.77 3.33
C SER D 46 -17.23 14.25 3.22
N ILE D 47 -15.97 14.56 2.95
CA ILE D 47 -15.52 15.94 2.77
C ILE D 47 -16.19 16.60 1.57
N LYS D 48 -16.37 15.87 0.48
CA LYS D 48 -17.01 16.45 -0.70
C LYS D 48 -18.44 16.89 -0.37
N LYS D 49 -19.18 16.03 0.35
CA LYS D 49 -20.52 16.35 0.83
C LYS D 49 -20.54 17.52 1.83
N GLN D 50 -19.56 17.56 2.73
CA GLN D 50 -19.47 18.61 3.73
C GLN D 50 -19.29 19.97 3.05
N ILE D 51 -18.46 20.02 2.02
CA ILE D 51 -18.29 21.25 1.25
C ILE D 51 -19.59 21.66 0.52
N ASN D 52 -20.31 20.69 -0.04
CA ASN D 52 -21.57 20.98 -0.70
C ASN D 52 -22.60 21.54 0.28
N ARG D 53 -22.60 21.04 1.52
CA ARG D 53 -23.52 21.51 2.54
C ARG D 53 -23.29 22.98 2.84
N GLN D 54 -22.02 23.39 2.83
CA GLN D 54 -21.66 24.78 3.04
C GLN D 54 -22.27 25.63 1.94
N ASN D 55 -22.16 25.15 0.72
CA ASN D 55 -22.67 25.88 -0.43
C ASN D 55 -24.18 26.09 -0.34
N ILE D 56 -24.89 25.06 0.10
CA ILE D 56 -26.31 25.16 0.34
C ILE D 56 -26.68 26.14 1.47
N SER D 57 -25.94 26.09 2.58
CA SER D 57 -26.21 26.99 3.71
C SER D 57 -26.02 28.41 3.24
N ILE D 58 -24.95 28.60 2.48
CA ILE D 58 -24.59 29.91 1.96
C ILE D 58 -25.69 30.45 1.05
N HIS D 59 -26.25 29.59 0.21
CA HIS D 59 -27.32 30.01 -0.68
C HIS D 59 -28.56 30.46 0.07
N HIS D 60 -28.96 29.71 1.09
CA HIS D 60 -30.08 30.09 1.95
C HIS D 60 -29.67 31.29 2.78
N HIS D 61 -28.41 31.29 3.20
CA HIS D 61 -27.85 32.36 4.00
C HIS D 61 -27.91 33.66 3.21
N HIS D 62 -27.56 33.58 1.93
CA HIS D 62 -27.56 34.75 1.07
C HIS D 62 -28.94 34.92 0.45
C ACT E . 29.09 -20.97 -6.31
O ACT E . 29.83 -21.79 -6.89
OXT ACT E . 29.01 -21.10 -5.06
CH3 ACT E . 28.37 -19.88 -7.05
H1 ACT E . 27.29 -19.98 -6.89
H2 ACT E . 28.70 -18.91 -6.67
H3 ACT E . 28.60 -19.95 -8.11
C ACT F . 0.21 7.90 14.65
O ACT F . -0.51 7.01 15.16
OXT ACT F . 1.34 7.54 14.27
CH3 ACT F . -0.27 9.32 14.52
H1 ACT F . 0.39 9.98 15.06
H2 ACT F . -0.28 9.60 13.47
H3 ACT F . -1.29 9.40 14.92
C ACT G . -27.84 33.32 14.64
O ACT G . -29.09 33.33 14.71
OXT ACT G . -27.36 32.90 13.56
CH3 ACT G . -26.98 33.77 15.78
H1 ACT G . -26.34 32.95 16.11
H2 ACT G . -26.36 34.60 15.45
H3 ACT G . -27.61 34.09 16.61
CA CA H . 4.31 -7.69 -0.86
C ACT I . -11.01 -4.09 -0.70
O ACT I . -10.89 -3.08 -1.43
OXT ACT I . -10.05 -4.87 -0.66
CH3 ACT I . -12.27 -4.35 0.10
H1 ACT I . -12.70 -5.30 -0.21
H2 ACT I . -12.02 -4.39 1.16
H3 ACT I . -12.98 -3.55 -0.08
#